data_1RV9
#
_entry.id   1RV9
#
_cell.length_a   78.850
_cell.length_b   41.340
_cell.length_c   72.140
_cell.angle_alpha   90.00
_cell.angle_beta   99.34
_cell.angle_gamma   90.00
#
_symmetry.space_group_name_H-M   'C 1 2 1'
#
loop_
_entity.id
_entity.type
_entity.pdbx_description
1 polymer 'conserved hypothetical protein NMB0706'
2 non-polymer 'SULFATE ION'
3 water water
#
_entity_poly.entity_id   1
_entity_poly.type   'polypeptide(L)'
_entity_poly.pdbx_seq_one_letter_code
;MKTITETLNLAPKGKNFLTADWPAPANVKTLITTRNGGVSQGAYQSLNLGTHVGDNPEAVRRNREIVQQQVGLPVAYLNQ
IHSTVVVNAAEALGGTPDADASVDDTGKVACAVMTADCLPVLFCDRAGTAVAAAHAGWRGLAGGVLQNTIAAMKVPPVEM
MAYLGPAISADAFEVGQDVFDAFCTPMPEAATAFEGIGSGKFLADLYALARLILKREGVGGVYGGTHCTVLERDTFFSYR
RDGATGRMASLIWLDGNAV
;
_entity_poly.pdbx_strand_id   A
#
loop_
_chem_comp.id
_chem_comp.type
_chem_comp.name
_chem_comp.formula
SO4 non-polymer 'SULFATE ION' 'O4 S -2'
#
# COMPACT_ATOMS: atom_id res chain seq x y z
N LYS A 15 1.46 -15.67 -14.15
CA LYS A 15 0.27 -15.25 -13.35
C LYS A 15 0.20 -13.73 -13.22
N ASN A 16 -1.01 -13.20 -13.30
CA ASN A 16 -1.25 -11.76 -13.21
C ASN A 16 -1.41 -11.32 -11.76
N PHE A 17 -1.40 -12.27 -10.84
CA PHE A 17 -1.55 -11.96 -9.43
C PHE A 17 -0.38 -12.47 -8.62
N LEU A 18 0.03 -11.68 -7.64
CA LEU A 18 1.13 -12.05 -6.78
C LEU A 18 0.60 -12.13 -5.36
N THR A 19 1.41 -12.67 -4.46
CA THR A 19 1.03 -12.78 -3.06
C THR A 19 2.25 -12.37 -2.25
N ALA A 20 2.03 -11.93 -1.03
CA ALA A 20 3.12 -11.50 -0.17
C ALA A 20 4.01 -12.65 0.27
N ASP A 21 5.32 -12.43 0.17
CA ASP A 21 6.27 -13.43 0.62
C ASP A 21 6.66 -13.06 2.03
N TRP A 22 5.97 -13.67 2.99
CA TRP A 22 6.23 -13.44 4.39
C TRP A 22 5.73 -14.63 5.21
N PRO A 23 6.21 -14.78 6.45
CA PRO A 23 5.80 -15.90 7.30
C PRO A 23 4.43 -15.76 7.94
N ALA A 24 3.49 -15.15 7.23
CA ALA A 24 2.15 -14.97 7.77
C ALA A 24 1.46 -16.32 7.95
N PRO A 25 0.59 -16.44 8.97
CA PRO A 25 -0.13 -17.70 9.23
C PRO A 25 -1.03 -18.09 8.06
N ALA A 26 -1.40 -19.36 8.00
CA ALA A 26 -2.20 -19.90 6.90
C ALA A 26 -3.56 -19.27 6.66
N ASN A 27 -4.11 -18.59 7.66
CA ASN A 27 -5.42 -17.97 7.49
C ASN A 27 -5.33 -16.50 7.09
N VAL A 28 -4.11 -16.04 6.83
CA VAL A 28 -3.90 -14.66 6.40
C VAL A 28 -3.58 -14.73 4.92
N LYS A 29 -4.51 -14.24 4.11
CA LYS A 29 -4.35 -14.25 2.66
C LYS A 29 -4.05 -12.86 2.13
N THR A 30 -3.25 -12.82 1.06
CA THR A 30 -2.92 -11.55 0.44
C THR A 30 -3.02 -11.65 -1.08
N LEU A 31 -3.23 -10.50 -1.71
CA LEU A 31 -3.30 -10.44 -3.16
C LEU A 31 -2.65 -9.14 -3.55
N ILE A 32 -1.52 -9.23 -4.25
CA ILE A 32 -0.80 -8.06 -4.72
C ILE A 32 -1.05 -8.07 -6.22
N THR A 33 -1.97 -7.25 -6.68
CA THR A 33 -2.29 -7.23 -8.10
C THR A 33 -1.23 -6.55 -8.94
N THR A 34 -1.19 -6.92 -10.21
CA THR A 34 -0.26 -6.31 -11.16
C THR A 34 -1.15 -5.57 -12.14
N ARG A 35 -0.55 -4.91 -13.12
CA ARG A 35 -1.33 -4.15 -14.10
C ARG A 35 -2.01 -5.07 -15.11
N ASN A 36 -1.68 -6.36 -15.07
CA ASN A 36 -2.23 -7.30 -16.02
C ASN A 36 -3.43 -8.12 -15.54
N GLY A 37 -4.23 -8.56 -16.51
CA GLY A 37 -5.40 -9.37 -16.20
C GLY A 37 -6.73 -8.62 -16.24
N GLY A 38 -6.69 -7.35 -16.66
CA GLY A 38 -7.90 -6.56 -16.71
C GLY A 38 -8.46 -6.26 -18.09
N VAL A 39 -9.38 -5.31 -18.17
CA VAL A 39 -10.01 -4.94 -19.43
C VAL A 39 -9.74 -3.50 -19.88
N SER A 40 -8.98 -2.74 -19.08
CA SER A 40 -8.69 -1.36 -19.44
C SER A 40 -7.66 -1.28 -20.57
N GLN A 41 -7.63 -0.15 -21.24
CA GLN A 41 -6.73 0.06 -22.37
C GLN A 41 -5.89 1.33 -22.28
N GLY A 42 -4.99 1.48 -23.23
CA GLY A 42 -4.14 2.65 -23.27
C GLY A 42 -3.27 2.85 -22.04
N ALA A 43 -3.29 4.05 -21.50
CA ALA A 43 -2.49 4.39 -20.32
C ALA A 43 -2.92 3.58 -19.10
N TYR A 44 -4.12 3.04 -19.14
CA TYR A 44 -4.62 2.29 -18.00
C TYR A 44 -4.41 0.85 -18.29
N GLN A 45 -3.55 0.53 -19.23
CA GLN A 45 -3.53 -0.88 -19.47
C GLN A 45 -3.45 -2.00 -18.49
N SER A 46 -4.68 -2.49 -18.59
CA SER A 46 -5.47 -3.54 -18.11
C SER A 46 -6.06 -3.59 -16.72
N LEU A 47 -5.36 -4.09 -15.73
CA LEU A 47 -6.09 -4.12 -14.45
C LEU A 47 -6.14 -2.87 -13.59
N ASN A 48 -6.78 -1.81 -14.09
CA ASN A 48 -6.91 -0.58 -13.32
C ASN A 48 -8.05 -0.63 -12.34
N LEU A 49 -7.74 -0.51 -11.05
CA LEU A 49 -8.75 -0.58 -10.01
C LEU A 49 -9.15 0.79 -9.46
N GLY A 50 -8.54 1.86 -9.97
CA GLY A 50 -8.87 3.19 -9.49
C GLY A 50 -9.96 3.91 -10.28
N THR A 51 -10.92 4.49 -9.56
CA THR A 51 -12.02 5.20 -10.19
C THR A 51 -11.78 6.70 -10.26
N HIS A 52 -10.63 7.13 -9.76
CA HIS A 52 -10.27 8.54 -9.71
C HIS A 52 -9.13 8.95 -10.64
N VAL A 53 -8.83 8.12 -11.64
CA VAL A 53 -7.72 8.42 -12.53
C VAL A 53 -8.06 8.70 -13.99
N GLY A 54 -9.35 8.84 -14.29
CA GLY A 54 -9.76 9.14 -15.66
C GLY A 54 -10.06 7.99 -16.61
N ASP A 55 -10.11 6.77 -16.07
CA ASP A 55 -10.39 5.58 -16.88
C ASP A 55 -11.89 5.43 -17.08
N ASN A 56 -12.31 4.54 -17.96
CA ASN A 56 -13.72 4.30 -18.21
C ASN A 56 -14.31 3.64 -16.97
N PRO A 57 -15.36 4.25 -16.38
CA PRO A 57 -16.01 3.71 -15.17
C PRO A 57 -16.44 2.25 -15.29
N GLU A 58 -17.01 1.88 -16.43
CA GLU A 58 -17.45 0.51 -16.63
C GLU A 58 -16.26 -0.46 -16.62
N ALA A 59 -15.15 -0.03 -17.20
CA ALA A 59 -13.95 -0.86 -17.25
C ALA A 59 -13.44 -1.12 -15.84
N VAL A 60 -13.37 -0.07 -15.03
CA VAL A 60 -12.90 -0.20 -13.65
C VAL A 60 -13.80 -1.15 -12.87
N ARG A 61 -15.10 -1.04 -13.08
CA ARG A 61 -16.06 -1.90 -12.40
C ARG A 61 -15.76 -3.36 -12.73
N ARG A 62 -15.46 -3.62 -14.00
CA ARG A 62 -15.15 -4.98 -14.43
C ARG A 62 -13.84 -5.46 -13.82
N ASN A 63 -12.83 -4.60 -13.76
CA ASN A 63 -11.55 -4.98 -13.19
C ASN A 63 -11.73 -5.32 -11.70
N ARG A 64 -12.56 -4.57 -11.01
CA ARG A 64 -12.80 -4.83 -9.59
C ARG A 64 -13.56 -6.15 -9.42
N GLU A 65 -14.38 -6.49 -10.41
CA GLU A 65 -15.11 -7.74 -10.37
C GLU A 65 -14.13 -8.89 -10.50
N ILE A 66 -13.17 -8.73 -11.40
CA ILE A 66 -12.14 -9.75 -11.62
C ILE A 66 -11.38 -9.98 -10.33
N VAL A 67 -11.08 -8.91 -9.61
CA VAL A 67 -10.37 -9.03 -8.35
C VAL A 67 -11.23 -9.70 -7.29
N GLN A 68 -12.51 -9.31 -7.21
CA GLN A 68 -13.40 -9.88 -6.22
C GLN A 68 -13.50 -11.39 -6.43
N GLN A 69 -13.55 -11.82 -7.68
CA GLN A 69 -13.62 -13.24 -8.01
C GLN A 69 -12.43 -13.97 -7.40
N GLN A 70 -11.28 -13.33 -7.45
CA GLN A 70 -10.06 -13.90 -6.90
C GLN A 70 -10.08 -13.93 -5.37
N VAL A 71 -10.58 -12.86 -4.78
CA VAL A 71 -10.64 -12.74 -3.32
C VAL A 71 -11.73 -13.58 -2.67
N GLY A 72 -12.94 -13.50 -3.20
CA GLY A 72 -14.04 -14.27 -2.63
C GLY A 72 -14.74 -13.54 -1.50
N LEU A 73 -14.40 -12.27 -1.33
CA LEU A 73 -15.00 -11.42 -0.29
C LEU A 73 -15.13 -10.00 -0.82
N PRO A 74 -16.03 -9.20 -0.23
CA PRO A 74 -16.14 -7.83 -0.71
C PRO A 74 -14.84 -7.12 -0.34
N VAL A 75 -14.41 -6.18 -1.18
CA VAL A 75 -13.16 -5.45 -0.97
C VAL A 75 -13.46 -4.01 -0.55
N ALA A 76 -12.88 -3.60 0.57
CA ALA A 76 -13.10 -2.25 1.10
C ALA A 76 -12.24 -1.16 0.46
N TYR A 77 -12.54 -0.82 -0.78
CA TYR A 77 -11.81 0.24 -1.47
C TYR A 77 -12.13 1.55 -0.75
N LEU A 78 -11.10 2.37 -0.56
CA LEU A 78 -11.28 3.64 0.14
C LEU A 78 -11.08 4.83 -0.78
N ASN A 79 -11.63 5.97 -0.38
CA ASN A 79 -11.39 7.18 -1.15
C ASN A 79 -10.15 7.73 -0.47
N GLN A 80 -9.00 7.32 -0.97
CA GLN A 80 -7.72 7.73 -0.40
C GLN A 80 -7.45 9.20 -0.62
N ILE A 81 -7.08 9.90 0.45
CA ILE A 81 -6.81 11.32 0.38
C ILE A 81 -5.46 11.68 1.01
N HIS A 82 -4.57 10.70 1.08
CA HIS A 82 -3.24 10.89 1.65
C HIS A 82 -3.27 11.40 3.09
N SER A 83 -4.26 10.90 3.83
CA SER A 83 -4.45 11.23 5.23
C SER A 83 -3.80 10.15 6.07
N THR A 84 -4.01 10.22 7.37
CA THR A 84 -3.47 9.22 8.30
C THR A 84 -4.67 8.54 8.97
N VAL A 85 -5.84 8.68 8.33
CA VAL A 85 -7.07 8.13 8.87
C VAL A 85 -7.25 6.64 8.61
N VAL A 86 -7.55 5.91 9.67
CA VAL A 86 -7.76 4.47 9.63
C VAL A 86 -9.21 4.17 9.95
N VAL A 87 -9.83 3.27 9.18
CA VAL A 87 -11.21 2.88 9.41
C VAL A 87 -11.33 1.37 9.54
N ASN A 88 -12.46 0.89 10.03
CA ASN A 88 -12.69 -0.55 10.12
C ASN A 88 -13.19 -0.94 8.74
N ALA A 89 -12.47 -1.86 8.09
CA ALA A 89 -12.85 -2.28 6.74
C ALA A 89 -14.29 -2.76 6.65
N ALA A 90 -14.75 -3.46 7.67
CA ALA A 90 -16.12 -3.99 7.69
C ALA A 90 -17.17 -2.89 7.66
N GLU A 91 -16.78 -1.69 8.06
CA GLU A 91 -17.71 -0.55 8.08
C GLU A 91 -17.52 0.36 6.88
N ALA A 92 -16.48 0.11 6.09
CA ALA A 92 -16.19 0.93 4.93
C ALA A 92 -16.92 0.52 3.65
N LEU A 93 -17.75 -0.51 3.74
CA LEU A 93 -18.48 -1.02 2.58
C LEU A 93 -19.80 -0.34 2.22
N GLY A 94 -20.49 0.24 3.18
CA GLY A 94 -21.76 0.86 2.87
C GLY A 94 -21.66 2.34 2.53
N GLY A 95 -20.50 2.77 2.01
CA GLY A 95 -20.30 4.16 1.67
C GLY A 95 -18.81 4.43 1.78
N THR A 96 -18.17 4.66 0.64
CA THR A 96 -16.74 4.91 0.58
C THR A 96 -16.28 6.06 1.47
N PRO A 97 -15.51 5.74 2.52
CA PRO A 97 -14.99 6.72 3.49
C PRO A 97 -13.72 7.40 2.97
N ASP A 98 -13.45 8.60 3.46
CA ASP A 98 -12.24 9.32 3.11
C ASP A 98 -11.23 8.79 4.13
N ALA A 99 -10.39 7.87 3.69
CA ALA A 99 -9.41 7.28 4.59
C ALA A 99 -8.28 6.67 3.79
N ASP A 100 -7.18 6.34 4.48
CA ASP A 100 -6.03 5.78 3.81
C ASP A 100 -5.50 4.49 4.40
N ALA A 101 -6.29 3.87 5.27
CA ALA A 101 -5.90 2.60 5.87
C ALA A 101 -7.14 1.95 6.48
N SER A 102 -7.13 0.62 6.55
CA SER A 102 -8.25 -0.08 7.16
C SER A 102 -7.75 -1.30 7.90
N VAL A 103 -8.52 -1.72 8.90
CA VAL A 103 -8.17 -2.87 9.71
C VAL A 103 -9.36 -3.82 9.78
N ASP A 104 -9.10 -5.09 10.08
CA ASP A 104 -10.16 -6.08 10.20
C ASP A 104 -9.75 -7.27 11.04
N ASP A 105 -10.72 -7.84 11.75
CA ASP A 105 -10.50 -9.01 12.57
C ASP A 105 -11.71 -9.94 12.48
N THR A 106 -12.50 -9.75 11.42
CA THR A 106 -13.72 -10.54 11.22
C THR A 106 -13.64 -11.57 10.10
N GLY A 107 -12.82 -11.31 9.10
CA GLY A 107 -12.70 -12.22 7.97
C GLY A 107 -13.91 -12.08 7.06
N LYS A 108 -14.63 -10.98 7.20
CA LYS A 108 -15.83 -10.75 6.40
C LYS A 108 -15.64 -9.70 5.31
N VAL A 109 -14.39 -9.27 5.13
CA VAL A 109 -14.09 -8.25 4.14
C VAL A 109 -12.58 -8.22 3.93
N ALA A 110 -12.15 -7.75 2.76
CA ALA A 110 -10.73 -7.64 2.48
C ALA A 110 -10.30 -6.19 2.60
N CYS A 111 -9.16 -5.96 3.25
CA CYS A 111 -8.62 -4.62 3.39
C CYS A 111 -7.83 -4.38 2.12
N ALA A 112 -7.85 -3.16 1.61
CA ALA A 112 -7.14 -2.87 0.38
C ALA A 112 -6.73 -1.42 0.22
N VAL A 113 -5.59 -1.23 -0.42
CA VAL A 113 -5.10 0.10 -0.74
C VAL A 113 -4.65 0.06 -2.21
N MET A 114 -4.91 1.16 -2.91
CA MET A 114 -4.57 1.27 -4.34
C MET A 114 -3.37 2.17 -4.52
N THR A 115 -2.44 1.78 -5.40
CA THR A 115 -1.23 2.57 -5.62
C THR A 115 -0.68 2.48 -7.04
N ALA A 116 0.26 3.36 -7.34
CA ALA A 116 0.96 3.40 -8.61
C ALA A 116 2.23 4.22 -8.36
N ASP A 117 2.99 3.78 -7.35
CA ASP A 117 4.25 4.39 -6.89
C ASP A 117 4.26 4.50 -5.37
N CYS A 118 3.16 4.97 -4.79
CA CYS A 118 3.09 5.12 -3.34
C CYS A 118 3.23 3.76 -2.67
N LEU A 119 3.70 3.76 -1.43
CA LEU A 119 3.94 2.52 -0.71
C LEU A 119 2.74 1.85 -0.06
N PRO A 120 2.44 0.60 -0.43
CA PRO A 120 1.32 -0.12 0.18
C PRO A 120 1.93 -0.94 1.32
N VAL A 121 1.31 -0.92 2.48
CA VAL A 121 1.83 -1.71 3.60
C VAL A 121 0.73 -2.60 4.16
N LEU A 122 0.98 -3.90 4.23
CA LEU A 122 0.01 -4.84 4.77
C LEU A 122 0.48 -5.27 6.14
N PHE A 123 -0.46 -5.56 7.04
CA PHE A 123 -0.14 -5.98 8.40
C PHE A 123 -0.94 -7.19 8.84
N CYS A 124 -0.37 -7.99 9.74
CA CYS A 124 -1.08 -9.12 10.31
C CYS A 124 -0.31 -9.53 11.55
N ASP A 125 -0.92 -10.34 12.40
CA ASP A 125 -0.21 -10.82 13.59
C ASP A 125 0.13 -12.30 13.36
N ARG A 126 1.10 -12.80 14.10
CA ARG A 126 1.56 -14.18 13.94
C ARG A 126 0.46 -15.22 14.12
N ALA A 127 -0.49 -14.95 15.00
CA ALA A 127 -1.59 -15.89 15.27
C ALA A 127 -2.74 -15.80 14.27
N GLY A 128 -2.72 -14.78 13.42
CA GLY A 128 -3.77 -14.62 12.44
C GLY A 128 -5.13 -14.24 13.00
N THR A 129 -5.18 -13.14 13.75
CA THR A 129 -6.43 -12.68 14.33
C THR A 129 -6.80 -11.28 13.84
N ALA A 130 -5.85 -10.61 13.19
CA ALA A 130 -6.11 -9.26 12.70
C ALA A 130 -5.23 -8.93 11.51
N VAL A 131 -5.77 -8.16 10.57
CA VAL A 131 -5.04 -7.73 9.38
C VAL A 131 -5.33 -6.25 9.12
N ALA A 132 -4.53 -5.65 8.23
CA ALA A 132 -4.71 -4.25 7.88
C ALA A 132 -3.93 -3.90 6.64
N ALA A 133 -4.37 -2.85 5.96
CA ALA A 133 -3.70 -2.36 4.76
C ALA A 133 -3.62 -0.84 4.90
N ALA A 134 -2.44 -0.28 4.63
CA ALA A 134 -2.25 1.16 4.73
C ALA A 134 -1.63 1.74 3.47
N HIS A 135 -2.13 2.91 3.08
CA HIS A 135 -1.66 3.64 1.91
C HIS A 135 -0.62 4.63 2.42
N ALA A 136 0.64 4.36 2.11
CA ALA A 136 1.73 5.20 2.57
C ALA A 136 2.47 6.01 1.51
N GLY A 137 1.84 7.10 1.08
CA GLY A 137 2.50 8.00 0.14
C GLY A 137 3.45 8.73 1.08
N TRP A 138 4.27 9.65 0.59
CA TRP A 138 5.19 10.32 1.50
C TRP A 138 4.45 11.15 2.55
N ARG A 139 3.32 11.74 2.18
CA ARG A 139 2.57 12.55 3.13
C ARG A 139 2.01 11.71 4.29
N GLY A 140 1.33 10.62 3.95
CA GLY A 140 0.77 9.77 4.99
C GLY A 140 1.83 9.09 5.81
N LEU A 141 2.94 8.73 5.16
CA LEU A 141 4.01 8.04 5.85
C LEU A 141 4.65 8.98 6.87
N ALA A 142 4.96 10.20 6.45
CA ALA A 142 5.54 11.18 7.35
C ALA A 142 4.53 11.63 8.39
N GLY A 143 3.25 11.53 8.04
CA GLY A 143 2.18 11.95 8.93
C GLY A 143 1.81 10.98 10.03
N GLY A 144 2.19 9.71 9.87
CA GLY A 144 1.90 8.71 10.88
C GLY A 144 0.80 7.71 10.55
N VAL A 145 0.54 7.47 9.27
CA VAL A 145 -0.51 6.52 8.92
C VAL A 145 -0.18 5.11 9.41
N LEU A 146 1.10 4.74 9.40
CA LEU A 146 1.48 3.41 9.86
C LEU A 146 1.28 3.28 11.36
N GLN A 147 1.70 4.29 12.12
CA GLN A 147 1.54 4.26 13.57
C GLN A 147 0.06 4.17 13.93
N ASN A 148 -0.79 4.90 13.23
CA ASN A 148 -2.22 4.87 13.51
C ASN A 148 -2.83 3.51 13.16
N THR A 149 -2.32 2.88 12.11
CA THR A 149 -2.82 1.57 11.71
C THR A 149 -2.46 0.54 12.76
N ILE A 150 -1.20 0.57 13.19
CA ILE A 150 -0.73 -0.35 14.21
C ILE A 150 -1.58 -0.24 15.47
N ALA A 151 -1.88 1.00 15.88
CA ALA A 151 -2.69 1.23 17.07
C ALA A 151 -4.10 0.67 16.91
N ALA A 152 -4.69 0.86 15.73
CA ALA A 152 -6.04 0.40 15.47
C ALA A 152 -6.19 -1.13 15.48
N MET A 153 -5.10 -1.84 15.22
CA MET A 153 -5.15 -3.29 15.19
C MET A 153 -5.29 -3.92 16.56
N LYS A 154 -4.85 -3.20 17.58
CA LYS A 154 -4.94 -3.66 18.96
C LYS A 154 -4.28 -5.00 19.26
N VAL A 155 -3.15 -5.26 18.62
CA VAL A 155 -2.40 -6.49 18.87
C VAL A 155 -0.98 -6.04 19.19
N PRO A 156 -0.26 -6.83 19.99
CA PRO A 156 1.11 -6.49 20.37
C PRO A 156 2.00 -6.25 19.15
N PRO A 157 2.67 -5.09 19.08
CA PRO A 157 3.54 -4.82 17.93
C PRO A 157 4.56 -5.93 17.65
N VAL A 158 5.09 -6.54 18.71
CA VAL A 158 6.08 -7.59 18.54
C VAL A 158 5.48 -8.81 17.83
N GLU A 159 4.17 -8.97 17.92
CA GLU A 159 3.50 -10.09 17.28
C GLU A 159 3.03 -9.71 15.88
N MET A 160 3.30 -8.46 15.49
CA MET A 160 2.92 -7.97 14.17
C MET A 160 4.01 -8.16 13.13
N MET A 161 3.59 -8.29 11.89
CA MET A 161 4.53 -8.37 10.79
C MET A 161 3.96 -7.45 9.73
N ALA A 162 4.84 -6.78 8.99
CA ALA A 162 4.40 -5.86 7.95
C ALA A 162 5.02 -6.24 6.62
N TYR A 163 4.25 -6.04 5.54
CA TYR A 163 4.73 -6.36 4.22
C TYR A 163 4.79 -5.07 3.39
N LEU A 164 5.95 -4.80 2.82
CA LEU A 164 6.12 -3.62 1.99
C LEU A 164 5.80 -4.04 0.56
N GLY A 165 4.68 -3.52 0.04
CA GLY A 165 4.26 -3.85 -1.30
C GLY A 165 5.04 -3.13 -2.37
N PRO A 166 4.70 -3.33 -3.65
CA PRO A 166 5.40 -2.68 -4.75
C PRO A 166 5.26 -1.17 -4.74
N ALA A 167 6.39 -0.47 -4.72
CA ALA A 167 6.40 0.99 -4.70
C ALA A 167 7.54 1.51 -5.57
N ILE A 168 7.63 2.82 -5.67
CA ILE A 168 8.71 3.42 -6.46
C ILE A 168 9.96 3.29 -5.60
N SER A 169 11.05 2.81 -6.19
CA SER A 169 12.29 2.63 -5.45
C SER A 169 13.11 3.91 -5.36
N ALA A 170 14.05 3.93 -4.44
CA ALA A 170 14.92 5.08 -4.21
C ALA A 170 15.50 5.63 -5.51
N ASP A 171 16.02 4.74 -6.36
CA ASP A 171 16.62 5.14 -7.62
C ASP A 171 15.75 6.03 -8.49
N ALA A 172 14.43 5.85 -8.39
CA ALA A 172 13.51 6.61 -9.21
C ALA A 172 12.70 7.69 -8.49
N PHE A 173 12.74 7.69 -7.16
CA PHE A 173 11.96 8.66 -6.39
C PHE A 173 12.78 9.87 -5.97
N GLU A 174 12.76 10.90 -6.82
CA GLU A 174 13.48 12.13 -6.56
C GLU A 174 12.58 13.16 -5.89
N VAL A 175 13.02 13.69 -4.75
CA VAL A 175 12.23 14.67 -4.01
C VAL A 175 13.04 15.90 -3.59
N GLY A 176 12.34 16.87 -3.02
CA GLY A 176 12.97 18.10 -2.57
C GLY A 176 13.16 18.20 -1.06
N GLN A 177 13.58 19.37 -0.62
CA GLN A 177 13.84 19.63 0.80
C GLN A 177 12.59 19.54 1.68
N ASP A 178 11.44 19.82 1.10
CA ASP A 178 10.19 19.76 1.86
C ASP A 178 9.90 18.33 2.31
N VAL A 179 10.06 17.38 1.40
CA VAL A 179 9.83 15.97 1.73
C VAL A 179 10.89 15.54 2.74
N PHE A 180 12.13 15.96 2.50
CA PHE A 180 13.23 15.63 3.38
C PHE A 180 12.94 16.09 4.81
N ASP A 181 12.55 17.36 4.95
CA ASP A 181 12.25 17.90 6.27
C ASP A 181 11.05 17.25 6.94
N ALA A 182 10.03 16.91 6.16
CA ALA A 182 8.84 16.28 6.71
C ALA A 182 9.18 15.02 7.50
N PHE A 183 10.26 14.38 7.11
CA PHE A 183 10.71 13.16 7.78
C PHE A 183 11.86 13.38 8.75
N CYS A 184 12.93 13.99 8.25
CA CYS A 184 14.15 14.20 9.04
C CYS A 184 14.17 15.24 10.14
N THR A 185 13.29 16.23 10.10
CA THR A 185 13.29 17.23 11.17
C THR A 185 12.77 16.55 12.43
N PRO A 186 11.58 15.91 12.34
CA PRO A 186 11.03 15.24 13.53
C PRO A 186 11.67 13.87 13.81
N MET A 187 12.31 13.29 12.80
CA MET A 187 12.95 11.98 12.94
C MET A 187 14.31 12.00 12.22
N PRO A 188 15.34 12.53 12.88
CA PRO A 188 16.71 12.65 12.35
C PRO A 188 17.30 11.40 11.72
N GLU A 189 17.02 10.23 12.29
CA GLU A 189 17.56 8.99 11.75
C GLU A 189 17.05 8.71 10.35
N ALA A 190 15.96 9.37 9.97
CA ALA A 190 15.38 9.18 8.65
C ALA A 190 16.29 9.67 7.53
N ALA A 191 17.29 10.46 7.89
CA ALA A 191 18.24 10.97 6.90
C ALA A 191 18.97 9.83 6.20
N THR A 192 19.06 8.68 6.86
CA THR A 192 19.73 7.53 6.29
C THR A 192 18.96 6.97 5.09
N ALA A 193 17.70 7.38 4.97
CA ALA A 193 16.85 6.91 3.88
C ALA A 193 16.79 7.90 2.70
N PHE A 194 17.59 8.96 2.77
CA PHE A 194 17.66 9.96 1.72
C PHE A 194 19.10 10.08 1.25
N GLU A 195 19.29 10.22 -0.05
CA GLU A 195 20.63 10.39 -0.60
C GLU A 195 20.65 11.67 -1.41
N GLY A 196 21.50 12.62 -1.00
CA GLY A 196 21.60 13.86 -1.73
C GLY A 196 22.20 13.62 -3.09
N ILE A 197 21.61 14.22 -4.12
CA ILE A 197 22.12 14.05 -5.48
C ILE A 197 22.40 15.42 -6.09
N GLY A 198 22.51 16.42 -5.22
CA GLY A 198 22.81 17.78 -5.66
C GLY A 198 21.63 18.67 -5.97
N SER A 199 21.88 19.97 -5.96
CA SER A 199 20.87 20.97 -6.26
C SER A 199 19.65 20.93 -5.34
N GLY A 200 19.84 20.45 -4.12
CA GLY A 200 18.74 20.38 -3.17
C GLY A 200 17.77 19.24 -3.45
N LYS A 201 18.20 18.29 -4.26
CA LYS A 201 17.37 17.14 -4.59
C LYS A 201 17.90 15.89 -3.88
N PHE A 202 17.00 14.94 -3.62
CA PHE A 202 17.36 13.71 -2.94
C PHE A 202 16.64 12.52 -3.56
N LEU A 203 17.22 11.34 -3.35
CA LEU A 203 16.60 10.10 -3.78
C LEU A 203 16.04 9.60 -2.47
N ALA A 204 14.72 9.44 -2.41
CA ALA A 204 14.06 8.98 -1.19
C ALA A 204 13.75 7.49 -1.26
N ASP A 205 14.10 6.77 -0.19
CA ASP A 205 13.87 5.34 -0.12
C ASP A 205 12.66 5.07 0.77
N LEU A 206 11.48 4.92 0.15
CA LEU A 206 10.26 4.67 0.91
C LEU A 206 10.32 3.38 1.73
N TYR A 207 10.99 2.37 1.21
CA TYR A 207 11.09 1.11 1.93
C TYR A 207 11.89 1.31 3.21
N ALA A 208 13.02 1.99 3.08
CA ALA A 208 13.88 2.26 4.24
C ALA A 208 13.17 3.14 5.25
N LEU A 209 12.44 4.13 4.77
CA LEU A 209 11.71 5.02 5.66
C LEU A 209 10.66 4.22 6.41
N ALA A 210 9.95 3.34 5.71
CA ALA A 210 8.93 2.52 6.33
C ALA A 210 9.54 1.57 7.36
N ARG A 211 10.66 0.96 7.03
CA ARG A 211 11.32 0.04 7.97
C ARG A 211 11.73 0.76 9.24
N LEU A 212 12.24 1.98 9.11
CA LEU A 212 12.65 2.77 10.26
C LEU A 212 11.45 3.06 11.17
N ILE A 213 10.37 3.54 10.55
CA ILE A 213 9.16 3.87 11.28
C ILE A 213 8.55 2.64 11.94
N LEU A 214 8.44 1.54 11.19
CA LEU A 214 7.87 0.31 11.73
C LEU A 214 8.72 -0.23 12.87
N LYS A 215 10.03 -0.23 12.70
CA LYS A 215 10.93 -0.73 13.73
C LYS A 215 10.84 0.12 14.98
N ARG A 216 10.81 1.44 14.81
CA ARG A 216 10.72 2.33 15.95
C ARG A 216 9.42 2.12 16.71
N GLU A 217 8.37 1.71 16.01
CA GLU A 217 7.08 1.50 16.63
C GLU A 217 7.02 0.17 17.39
N GLY A 218 7.92 -0.75 17.04
CA GLY A 218 7.96 -2.03 17.72
C GLY A 218 7.50 -3.23 16.92
N VAL A 219 7.21 -3.03 15.64
CA VAL A 219 6.76 -4.13 14.80
C VAL A 219 7.82 -5.23 14.76
N GLY A 220 7.40 -6.46 15.06
CA GLY A 220 8.30 -7.60 15.10
C GLY A 220 9.06 -7.97 13.85
N GLY A 221 8.44 -7.84 12.69
CA GLY A 221 9.12 -8.19 11.45
C GLY A 221 8.59 -7.42 10.25
N VAL A 222 9.49 -7.10 9.33
CA VAL A 222 9.13 -6.37 8.12
C VAL A 222 9.66 -7.14 6.92
N TYR A 223 8.77 -7.38 5.95
CA TYR A 223 9.11 -8.15 4.75
C TYR A 223 8.77 -7.40 3.47
N GLY A 224 9.25 -7.91 2.34
CA GLY A 224 8.99 -7.30 1.06
C GLY A 224 9.96 -6.17 0.73
N GLY A 225 9.52 -5.23 -0.09
CA GLY A 225 10.36 -4.10 -0.46
C GLY A 225 11.44 -4.43 -1.46
N THR A 226 11.09 -5.19 -2.49
CA THR A 226 12.06 -5.59 -3.52
C THR A 226 11.75 -5.07 -4.92
N HIS A 227 10.55 -4.55 -5.12
CA HIS A 227 10.16 -4.05 -6.44
C HIS A 227 10.36 -2.55 -6.63
N CYS A 228 10.25 -2.14 -7.88
CA CYS A 228 10.31 -0.72 -8.26
C CYS A 228 9.21 -0.60 -9.31
N THR A 229 8.17 0.14 -8.97
CA THR A 229 7.06 0.32 -9.89
C THR A 229 7.48 1.03 -11.18
N VAL A 230 8.52 1.85 -11.12
CA VAL A 230 8.97 2.56 -12.31
C VAL A 230 9.73 1.63 -13.27
N LEU A 231 10.67 0.87 -12.73
CA LEU A 231 11.48 -0.05 -13.53
C LEU A 231 10.69 -1.22 -14.13
N GLU A 232 9.76 -1.78 -13.35
CA GLU A 232 8.99 -2.93 -13.81
C GLU A 232 7.72 -2.54 -14.55
N ARG A 233 7.90 -1.89 -15.69
CA ARG A 233 6.77 -1.41 -16.49
C ARG A 233 5.81 -2.46 -17.02
N ASP A 234 6.29 -3.69 -17.20
CA ASP A 234 5.40 -4.73 -17.70
C ASP A 234 4.62 -5.39 -16.57
N THR A 235 4.79 -4.88 -15.36
CA THR A 235 4.11 -5.45 -14.20
C THR A 235 3.29 -4.46 -13.40
N PHE A 236 3.80 -3.25 -13.21
CA PHE A 236 3.10 -2.26 -12.41
C PHE A 236 2.84 -0.92 -13.08
N PHE A 237 1.78 -0.26 -12.62
CA PHE A 237 1.42 1.08 -13.08
C PHE A 237 2.37 2.00 -12.32
N SER A 238 2.68 3.16 -12.91
CA SER A 238 3.56 4.13 -12.29
C SER A 238 3.23 5.55 -12.71
N TYR A 239 2.92 6.40 -11.74
CA TYR A 239 2.60 7.78 -12.03
C TYR A 239 3.86 8.51 -12.50
N ARG A 240 4.98 8.23 -11.83
CA ARG A 240 6.24 8.87 -12.19
C ARG A 240 6.59 8.56 -13.64
N ARG A 241 6.34 7.33 -14.05
CA ARG A 241 6.67 6.93 -15.41
C ARG A 241 5.66 7.37 -16.47
N ASP A 242 4.36 7.23 -16.19
CA ASP A 242 3.35 7.55 -17.19
C ASP A 242 2.33 8.64 -16.91
N GLY A 243 2.35 9.25 -15.72
CA GLY A 243 1.38 10.28 -15.43
C GLY A 243 0.00 9.68 -15.20
N ALA A 244 -0.97 10.06 -16.03
CA ALA A 244 -2.31 9.52 -15.90
C ALA A 244 -2.26 8.03 -16.25
N THR A 245 -2.50 7.18 -15.25
CA THR A 245 -2.44 5.75 -15.47
C THR A 245 -3.32 5.02 -14.46
N GLY A 246 -3.25 3.68 -14.46
CA GLY A 246 -4.08 2.92 -13.56
C GLY A 246 -3.51 2.75 -12.16
N ARG A 247 -4.22 1.99 -11.35
CA ARG A 247 -3.79 1.71 -9.99
C ARG A 247 -3.92 0.22 -9.71
N MET A 248 -2.88 -0.38 -9.13
CA MET A 248 -2.99 -1.78 -8.75
C MET A 248 -3.35 -1.72 -7.28
N ALA A 249 -3.51 -2.87 -6.64
CA ALA A 249 -3.88 -2.83 -5.22
C ALA A 249 -3.21 -3.92 -4.44
N SER A 250 -3.10 -3.69 -3.13
CA SER A 250 -2.54 -4.67 -2.22
C SER A 250 -3.67 -4.97 -1.26
N LEU A 251 -4.09 -6.23 -1.24
CA LEU A 251 -5.19 -6.69 -0.42
C LEU A 251 -4.77 -7.73 0.59
N ILE A 252 -5.48 -7.76 1.71
CA ILE A 252 -5.22 -8.73 2.75
C ILE A 252 -6.53 -9.07 3.46
N TRP A 253 -6.69 -10.33 3.82
CA TRP A 253 -7.89 -10.75 4.52
C TRP A 253 -7.65 -12.00 5.32
N LEU A 254 -8.57 -12.25 6.25
CA LEU A 254 -8.52 -13.45 7.08
C LEU A 254 -9.44 -14.47 6.43
N ASP A 255 -8.97 -15.70 6.33
CA ASP A 255 -9.74 -16.79 5.75
C ASP A 255 -9.55 -17.98 6.65
N GLY A 256 -10.32 -18.01 7.73
CA GLY A 256 -10.22 -19.11 8.68
C GLY A 256 -10.57 -18.70 10.09
S SO4 B . -3.32 9.65 -6.12
O1 SO4 B . -3.97 10.97 -6.30
O2 SO4 B . -4.14 8.61 -6.78
O3 SO4 B . -1.98 9.68 -6.71
O4 SO4 B . -3.23 9.34 -4.69
#